data_5UXB
#
_entry.id   5UXB
#
_cell.length_a   75.933
_cell.length_b   79.741
_cell.length_c   99.132
_cell.angle_alpha   90.00
_cell.angle_beta   90.00
_cell.angle_gamma   90.00
#
_symmetry.space_group_name_H-M   'P 21 21 21'
#
loop_
_entity.id
_entity.type
_entity.pdbx_description
1 polymer "Macrolide 2'-phosphotransferase MphH"
2 non-polymer 'CHLORIDE ION'
3 water water
#
_entity_poly.entity_id   1
_entity_poly.type   'polypeptide(L)'
_entity_poly.pdbx_seq_one_letter_code
;(MSE)PEDLDALLDLAARHGLDLDGGTLRTEEIGLDFRVAFARAHDGGDWVLRLPRRPDVLERAAVEGRLLA(MSE)LAP
HLDVAVPDWRISTSELIAYPLLPGSPGLTVAADGEVSWHVD(MSE)ASTVYARSLGSVVAQLHAVDAEAAAATGIEVRSP
AQVRGAWRQDLARVGAEFEIAPALRERWEAWLADDGCWPGHSVLTHGELYPAHTLVEDERITAVLDWTTAAVGDPAKDL
(MSE)FHQVSAPSAIFEVALQAYAEGGGRPWPGLARHCTE(MSE)FSAAPLGYGLYALATGEAAHREAAAAALNPPEER
;
_entity_poly.pdbx_strand_id   A,B
#
# COMPACT_ATOMS: atom_id res chain seq x y z
N LEU A 5 5.41 15.19 -55.07
CA LEU A 5 4.39 14.18 -54.83
C LEU A 5 4.86 12.80 -55.27
N ASP A 6 5.34 12.69 -56.52
CA ASP A 6 5.85 11.40 -56.98
C ASP A 6 7.17 11.03 -56.33
N ALA A 7 7.86 12.00 -55.74
CA ALA A 7 9.10 11.69 -55.02
C ALA A 7 8.83 10.81 -53.81
N LEU A 8 7.61 10.87 -53.25
CA LEU A 8 7.27 9.98 -52.14
C LEU A 8 7.34 8.52 -52.57
N LEU A 9 6.87 8.23 -53.79
CA LEU A 9 6.89 6.86 -54.29
C LEU A 9 8.29 6.43 -54.70
N ASP A 10 9.10 7.35 -55.21
CA ASP A 10 10.52 7.07 -55.38
C ASP A 10 11.19 6.84 -54.04
N LEU A 11 10.86 7.67 -53.04
CA LEU A 11 11.34 7.44 -51.69
C LEU A 11 10.87 6.10 -51.15
N ALA A 12 9.61 5.75 -51.41
CA ALA A 12 9.10 4.46 -50.99
C ALA A 12 9.71 3.32 -51.79
N ALA A 13 9.96 3.55 -53.09
CA ALA A 13 10.57 2.50 -53.91
C ALA A 13 12.03 2.30 -53.56
N ARG A 14 12.75 3.38 -53.22
CA ARG A 14 14.16 3.25 -52.85
C ARG A 14 14.34 2.31 -51.67
N HIS A 15 13.33 2.20 -50.80
CA HIS A 15 13.37 1.31 -49.66
C HIS A 15 12.62 0.01 -49.91
N GLY A 16 12.45 -0.37 -51.17
CA GLY A 16 11.88 -1.67 -51.50
C GLY A 16 10.40 -1.83 -51.30
N LEU A 17 9.65 -0.73 -51.29
CA LEU A 17 8.19 -0.78 -51.13
C LEU A 17 7.56 -0.03 -52.30
N ASP A 18 7.10 -0.78 -53.30
CA ASP A 18 6.47 -0.21 -54.49
CA ASP A 18 6.47 -0.19 -54.48
C ASP A 18 4.98 -0.04 -54.20
N LEU A 19 4.51 1.20 -54.15
CA LEU A 19 3.13 1.52 -53.83
C LEU A 19 2.41 2.04 -55.06
N ASP A 20 1.09 1.90 -55.05
CA ASP A 20 0.24 2.41 -56.12
C ASP A 20 0.07 3.91 -55.97
N GLY A 21 0.21 4.65 -57.07
CA GLY A 21 0.11 6.10 -56.99
C GLY A 21 -1.31 6.57 -56.74
N GLY A 22 -2.27 6.01 -57.46
CA GLY A 22 -3.65 6.45 -57.35
C GLY A 22 -4.26 6.29 -55.98
N THR A 23 -3.76 5.35 -55.18
CA THR A 23 -4.31 5.12 -53.85
C THR A 23 -3.62 5.95 -52.77
N LEU A 24 -2.52 6.63 -53.09
CA LEU A 24 -1.78 7.40 -52.10
C LEU A 24 -2.62 8.57 -51.58
N ARG A 25 -2.63 8.76 -50.27
CA ARG A 25 -3.29 9.88 -49.64
C ARG A 25 -2.34 10.56 -48.67
N THR A 26 -2.50 11.87 -48.53
CA THR A 26 -1.65 12.69 -47.68
C THR A 26 -2.38 13.07 -46.40
N GLU A 27 -1.60 13.24 -45.31
CA GLU A 27 -2.08 13.82 -44.06
C GLU A 27 -0.99 14.81 -43.61
N GLU A 28 -1.03 16.01 -44.19
CA GLU A 28 0.08 16.95 -44.14
C GLU A 28 0.12 17.80 -42.87
N ILE A 29 -0.96 17.82 -42.08
CA ILE A 29 -1.04 18.74 -40.95
C ILE A 29 -0.13 18.37 -39.80
N GLY A 30 0.47 17.17 -39.83
CA GLY A 30 1.27 16.72 -38.70
C GLY A 30 2.50 17.56 -38.45
N LEU A 31 2.86 17.67 -37.17
CA LEU A 31 4.03 18.48 -36.77
C LEU A 31 5.33 17.73 -37.03
N ASP A 32 5.56 16.64 -36.29
CA ASP A 32 6.84 15.95 -36.35
C ASP A 32 7.00 15.19 -37.67
N PHE A 33 5.99 14.40 -38.04
CA PHE A 33 6.02 13.59 -39.25
C PHE A 33 4.87 13.96 -40.16
N ARG A 34 5.15 14.08 -41.45
CA ARG A 34 4.10 14.11 -42.45
C ARG A 34 3.68 12.68 -42.76
N VAL A 35 2.40 12.37 -42.57
CA VAL A 35 1.90 11.00 -42.63
C VAL A 35 1.19 10.79 -43.95
N ALA A 36 1.49 9.66 -44.62
CA ALA A 36 0.87 9.32 -45.89
C ALA A 36 0.32 7.89 -45.82
N PHE A 37 -0.86 7.68 -46.39
CA PHE A 37 -1.53 6.40 -46.40
C PHE A 37 -1.55 5.86 -47.83
N ALA A 38 -1.09 4.62 -48.00
CA ALA A 38 -0.91 4.06 -49.34
C ALA A 38 -1.35 2.61 -49.38
N ARG A 39 -1.58 2.14 -50.60
CA ARG A 39 -1.79 0.73 -50.90
C ARG A 39 -0.64 0.24 -51.78
N ALA A 40 -0.07 -0.91 -51.44
CA ALA A 40 0.96 -1.50 -52.26
C ALA A 40 0.33 -2.26 -53.43
N HIS A 41 1.18 -2.72 -54.34
CA HIS A 41 0.74 -3.51 -55.47
C HIS A 41 0.17 -4.82 -54.94
N ASP A 42 0.78 -5.33 -53.86
CA ASP A 42 0.32 -6.56 -53.24
C ASP A 42 -1.04 -6.42 -52.57
N GLY A 43 -1.53 -5.20 -52.37
CA GLY A 43 -2.79 -4.96 -51.71
C GLY A 43 -2.67 -4.55 -50.25
N GLY A 44 -1.49 -4.63 -49.67
CA GLY A 44 -1.33 -4.25 -48.28
C GLY A 44 -1.40 -2.74 -48.10
N ASP A 45 -2.02 -2.34 -46.99
CA ASP A 45 -2.11 -0.92 -46.63
C ASP A 45 -0.87 -0.51 -45.86
N TRP A 46 -0.37 0.69 -46.16
CA TRP A 46 0.89 1.15 -45.60
C TRP A 46 0.75 2.58 -45.07
N VAL A 47 1.45 2.85 -43.98
CA VAL A 47 1.52 4.18 -43.38
C VAL A 47 2.94 4.69 -43.52
N LEU A 48 3.09 5.85 -44.13
CA LEU A 48 4.39 6.48 -44.33
C LEU A 48 4.54 7.63 -43.35
N ARG A 49 5.56 7.57 -42.51
CA ARG A 49 5.90 8.65 -41.59
C ARG A 49 7.16 9.32 -42.10
N LEU A 50 7.01 10.53 -42.64
CA LEU A 50 8.14 11.24 -43.21
C LEU A 50 8.64 12.29 -42.22
N PRO A 51 9.83 12.11 -41.63
CA PRO A 51 10.33 13.09 -40.66
C PRO A 51 10.51 14.46 -41.30
N ARG A 52 9.94 15.47 -40.65
CA ARG A 52 10.01 16.83 -41.16
C ARG A 52 11.36 17.49 -40.86
N ARG A 53 11.98 17.13 -39.75
CA ARG A 53 13.24 17.70 -39.31
C ARG A 53 14.08 16.60 -38.68
N PRO A 54 15.40 16.81 -38.57
CA PRO A 54 16.24 15.80 -37.90
C PRO A 54 15.95 15.64 -36.41
N ASP A 55 15.27 16.61 -35.79
CA ASP A 55 15.01 16.52 -34.35
C ASP A 55 14.17 15.31 -33.98
N VAL A 56 13.28 14.89 -34.88
CA VAL A 56 12.32 13.83 -34.54
C VAL A 56 12.92 12.44 -34.58
N LEU A 57 14.17 12.30 -35.02
CA LEU A 57 14.73 10.97 -35.22
C LEU A 57 15.12 10.29 -33.90
N GLU A 58 15.48 11.06 -32.88
CA GLU A 58 15.92 10.45 -31.63
C GLU A 58 14.76 9.73 -30.94
N ARG A 59 13.61 10.40 -30.81
CA ARG A 59 12.45 9.75 -30.20
C ARG A 59 11.91 8.65 -31.10
N ALA A 60 12.07 8.78 -32.41
CA ALA A 60 11.71 7.69 -33.31
C ALA A 60 12.66 6.51 -33.15
N ALA A 61 13.91 6.77 -32.76
CA ALA A 61 14.84 5.68 -32.50
C ALA A 61 14.45 4.92 -31.23
N VAL A 62 14.13 5.66 -30.17
CA VAL A 62 13.71 5.01 -28.92
C VAL A 62 12.39 4.27 -29.12
N GLU A 63 11.47 4.86 -29.91
CA GLU A 63 10.17 4.23 -30.13
C GLU A 63 10.33 2.89 -30.82
N GLY A 64 11.11 2.83 -31.91
CA GLY A 64 11.29 1.59 -32.63
C GLY A 64 11.83 0.48 -31.76
N ARG A 65 12.80 0.80 -30.90
CA ARG A 65 13.30 -0.20 -29.96
C ARG A 65 12.26 -0.55 -28.91
N LEU A 66 11.38 0.39 -28.56
CA LEU A 66 10.31 0.09 -27.62
C LEU A 66 9.21 -0.75 -28.26
N LEU A 67 8.93 -0.53 -29.55
CA LEU A 67 7.94 -1.36 -30.22
C LEU A 67 8.45 -2.77 -30.45
N ALA A 68 9.76 -2.93 -30.69
CA ALA A 68 10.31 -4.26 -30.95
C ALA A 68 10.17 -5.18 -29.75
N LEU A 70 7.73 -4.68 -27.44
CA LEU A 70 6.39 -4.54 -26.90
C LEU A 70 5.40 -5.49 -27.55
N ALA A 71 5.56 -5.73 -28.85
CA ALA A 71 4.62 -6.55 -29.61
C ALA A 71 4.29 -7.89 -28.95
N PRO A 72 5.26 -8.66 -28.43
CA PRO A 72 4.88 -9.95 -27.82
C PRO A 72 4.08 -9.82 -26.54
N HIS A 73 4.05 -8.64 -25.92
CA HIS A 73 3.48 -8.49 -24.59
C HIS A 73 2.07 -7.92 -24.58
N LEU A 74 1.53 -7.52 -25.73
CA LEU A 74 0.19 -6.95 -25.80
C LEU A 74 -0.69 -7.77 -26.72
N ASP A 75 -1.96 -7.90 -26.35
CA ASP A 75 -2.92 -8.57 -27.22
C ASP A 75 -3.34 -7.67 -28.38
N VAL A 76 -3.34 -6.35 -28.18
CA VAL A 76 -3.72 -5.40 -29.21
C VAL A 76 -2.52 -5.10 -30.08
N ALA A 77 -2.78 -4.73 -31.34
CA ALA A 77 -1.71 -4.51 -32.29
C ALA A 77 -0.94 -3.24 -31.97
N VAL A 78 0.30 -3.20 -32.44
CA VAL A 78 1.21 -2.07 -32.22
C VAL A 78 2.01 -1.91 -33.51
N PRO A 79 2.25 -0.66 -33.98
CA PRO A 79 2.89 -0.47 -35.29
C PRO A 79 4.14 -1.31 -35.51
N ASP A 80 4.09 -2.20 -36.49
CA ASP A 80 5.19 -3.11 -36.81
C ASP A 80 6.08 -2.44 -37.85
N TRP A 81 7.04 -1.65 -37.37
CA TRP A 81 7.95 -0.93 -38.26
C TRP A 81 8.78 -1.92 -39.07
N ARG A 82 8.63 -1.86 -40.39
CA ARG A 82 9.48 -2.64 -41.29
C ARG A 82 10.48 -1.79 -42.06
N ILE A 83 10.30 -0.47 -42.07
CA ILE A 83 11.29 0.46 -42.61
C ILE A 83 11.45 1.58 -41.59
N SER A 84 12.68 1.80 -41.14
CA SER A 84 12.99 2.90 -40.22
C SER A 84 14.34 3.48 -40.64
N THR A 85 14.29 4.60 -41.35
CA THR A 85 15.47 5.29 -41.86
C THR A 85 15.41 6.75 -41.42
N SER A 86 16.40 7.53 -41.87
CA SER A 86 16.34 8.97 -41.69
C SER A 86 15.34 9.63 -42.62
N GLU A 87 14.86 8.92 -43.64
CA GLU A 87 13.96 9.48 -44.64
C GLU A 87 12.53 8.99 -44.52
N LEU A 88 12.28 7.83 -43.91
CA LEU A 88 10.93 7.28 -43.89
C LEU A 88 10.80 6.22 -42.81
N ILE A 89 9.65 6.22 -42.14
CA ILE A 89 9.22 5.13 -41.27
C ILE A 89 7.93 4.57 -41.87
N ALA A 90 7.95 3.30 -42.24
CA ALA A 90 6.83 2.66 -42.92
C ALA A 90 6.43 1.39 -42.19
N TYR A 91 5.18 1.31 -41.78
CA TYR A 91 4.61 0.12 -41.15
C TYR A 91 3.24 -0.15 -41.75
N PRO A 92 2.80 -1.42 -41.73
CA PRO A 92 1.46 -1.73 -42.25
C PRO A 92 0.38 -1.04 -41.45
N LEU A 93 -0.67 -0.61 -42.16
CA LEU A 93 -1.77 0.10 -41.52
C LEU A 93 -2.50 -0.82 -40.55
N LEU A 94 -2.65 -0.37 -39.31
CA LEU A 94 -3.25 -1.17 -38.26
C LEU A 94 -4.78 -1.19 -38.40
N PRO A 95 -5.42 -2.27 -37.96
CA PRO A 95 -6.88 -2.35 -38.08
C PRO A 95 -7.58 -1.46 -37.06
N GLY A 96 -8.73 -0.93 -37.47
CA GLY A 96 -9.59 -0.20 -36.57
C GLY A 96 -9.69 1.28 -36.97
N SER A 97 -10.74 1.91 -36.47
CA SER A 97 -10.97 3.34 -36.61
C SER A 97 -10.55 4.06 -35.33
N PRO A 98 -10.08 5.30 -35.43
CA PRO A 98 -9.75 6.05 -34.21
C PRO A 98 -11.00 6.37 -33.42
N GLY A 99 -10.82 6.49 -32.10
CA GLY A 99 -11.92 6.91 -31.26
C GLY A 99 -12.14 8.40 -31.21
N LEU A 100 -11.40 9.16 -32.01
CA LEU A 100 -11.42 10.61 -31.95
C LEU A 100 -10.82 11.17 -33.24
N THR A 101 -11.37 12.30 -33.68
CA THR A 101 -10.86 13.00 -34.86
C THR A 101 -10.83 14.49 -34.58
N VAL A 102 -10.00 15.20 -35.34
CA VAL A 102 -9.93 16.65 -35.27
C VAL A 102 -9.82 17.22 -36.69
N GLU A 107 -13.79 19.26 -37.67
CA GLU A 107 -13.67 19.60 -36.26
C GLU A 107 -13.71 18.36 -35.37
N VAL A 108 -14.25 18.52 -34.16
CA VAL A 108 -14.13 17.51 -33.11
C VAL A 108 -15.24 16.49 -33.31
N SER A 109 -14.89 15.32 -33.84
CA SER A 109 -15.85 14.25 -34.10
C SER A 109 -15.42 12.99 -33.36
N TRP A 110 -16.27 12.54 -32.44
CA TRP A 110 -16.02 11.34 -31.64
C TRP A 110 -16.61 10.11 -32.32
N HIS A 111 -15.99 8.95 -32.07
CA HIS A 111 -16.47 7.69 -32.60
C HIS A 111 -16.80 6.66 -31.52
N VAL A 112 -16.39 6.89 -30.28
CA VAL A 112 -16.70 6.03 -29.15
C VAL A 112 -17.05 6.91 -27.97
N ASP A 113 -18.25 6.76 -27.41
CA ASP A 113 -18.61 7.55 -26.26
C ASP A 113 -17.93 7.02 -25.00
N ALA A 115 -18.68 6.96 -22.02
CA ALA A 115 -19.54 6.26 -21.08
C ALA A 115 -19.77 4.80 -21.46
N SER A 116 -19.06 4.30 -22.48
CA SER A 116 -19.24 2.93 -22.92
C SER A 116 -18.56 1.97 -21.95
N THR A 117 -19.32 0.99 -21.47
CA THR A 117 -18.72 -0.07 -20.64
C THR A 117 -17.77 -0.93 -21.45
N VAL A 118 -18.08 -1.15 -22.73
CA VAL A 118 -17.23 -1.99 -23.58
C VAL A 118 -15.86 -1.36 -23.75
N TYR A 119 -15.82 -0.05 -24.05
CA TYR A 119 -14.53 0.61 -24.20
C TYR A 119 -13.79 0.70 -22.87
N ALA A 120 -14.51 0.95 -21.79
CA ALA A 120 -13.87 1.00 -20.47
C ALA A 120 -13.29 -0.35 -20.09
N ARG A 121 -14.03 -1.44 -20.36
CA ARG A 121 -13.50 -2.78 -20.10
C ARG A 121 -12.30 -3.08 -20.98
N SER A 122 -12.28 -2.54 -22.20
CA SER A 122 -11.15 -2.77 -23.10
C SER A 122 -9.92 -2.00 -22.66
N LEU A 123 -10.10 -0.72 -22.32
CA LEU A 123 -8.97 0.12 -21.93
C LEU A 123 -8.26 -0.44 -20.71
N GLY A 124 -9.01 -0.78 -19.67
CA GLY A 124 -8.41 -1.31 -18.45
C GLY A 124 -7.62 -2.58 -18.68
N SER A 125 -8.00 -3.36 -19.69
CA SER A 125 -7.26 -4.58 -20.01
C SER A 125 -5.96 -4.26 -20.76
N VAL A 126 -6.03 -3.34 -21.72
CA VAL A 126 -4.84 -2.97 -22.48
C VAL A 126 -3.82 -2.30 -21.58
N VAL A 127 -4.28 -1.38 -20.73
CA VAL A 127 -3.39 -0.66 -19.82
C VAL A 127 -2.76 -1.62 -18.82
N ALA A 128 -3.55 -2.58 -18.32
CA ALA A 128 -3.01 -3.54 -17.36
C ALA A 128 -1.90 -4.37 -17.98
N GLN A 129 -2.07 -4.77 -19.25
CA GLN A 129 -1.04 -5.56 -19.91
C GLN A 129 0.21 -4.74 -20.17
N LEU A 130 0.04 -3.47 -20.57
CA LEU A 130 1.19 -2.60 -20.79
C LEU A 130 1.95 -2.35 -19.49
N HIS A 131 1.22 -2.14 -18.40
CA HIS A 131 1.86 -1.89 -17.11
C HIS A 131 2.46 -3.16 -16.51
N ALA A 132 2.04 -4.34 -16.96
CA ALA A 132 2.56 -5.59 -16.44
C ALA A 132 3.93 -5.94 -17.00
N VAL A 133 4.43 -5.18 -17.96
CA VAL A 133 5.67 -5.52 -18.65
C VAL A 133 6.86 -5.03 -17.84
N ASP A 134 7.88 -5.88 -17.75
CA ASP A 134 9.09 -5.57 -16.98
C ASP A 134 9.65 -4.21 -17.35
N ALA A 135 9.85 -3.37 -16.34
CA ALA A 135 10.26 -1.99 -16.58
C ALA A 135 11.75 -1.88 -16.89
N GLU A 136 12.57 -2.72 -16.27
CA GLU A 136 14.02 -2.67 -16.54
C GLU A 136 14.31 -2.97 -18.00
N ALA A 137 13.62 -3.96 -18.57
CA ALA A 137 13.76 -4.22 -20.00
C ALA A 137 13.20 -3.08 -20.83
N ALA A 138 12.13 -2.43 -20.36
CA ALA A 138 11.64 -1.24 -21.04
C ALA A 138 12.62 -0.08 -20.94
N ALA A 139 13.34 0.02 -19.81
CA ALA A 139 14.30 1.10 -19.63
C ALA A 139 15.45 1.01 -20.61
N ALA A 140 15.85 -0.21 -20.99
CA ALA A 140 16.98 -0.39 -21.89
C ALA A 140 16.72 0.19 -23.27
N THR A 141 15.46 0.46 -23.62
CA THR A 141 15.17 1.12 -24.88
C THR A 141 15.66 2.55 -24.91
N GLY A 142 15.85 3.17 -23.75
CA GLY A 142 16.27 4.55 -23.67
C GLY A 142 15.18 5.52 -23.23
N ILE A 143 14.01 5.04 -22.85
CA ILE A 143 12.94 5.94 -22.42
C ILE A 143 13.29 6.58 -21.09
N GLU A 144 12.56 7.63 -20.75
CA GLU A 144 12.68 8.24 -19.43
C GLU A 144 12.20 7.26 -18.36
N VAL A 145 12.92 7.22 -17.25
CA VAL A 145 12.57 6.36 -16.12
C VAL A 145 12.55 7.22 -14.86
N ARG A 146 11.46 7.14 -14.12
CA ARG A 146 11.29 7.91 -12.90
C ARG A 146 10.69 7.02 -11.81
N SER A 147 11.30 7.05 -10.63
CA SER A 147 10.81 6.29 -9.50
C SER A 147 9.56 6.96 -8.94
N PRO A 148 8.80 6.27 -8.08
CA PRO A 148 7.64 6.93 -7.45
C PRO A 148 7.99 8.20 -6.71
N ALA A 149 9.21 8.32 -6.19
CA ALA A 149 9.64 9.58 -5.61
C ALA A 149 9.94 10.63 -6.66
N GLN A 150 10.41 10.20 -7.83
CA GLN A 150 10.81 11.16 -8.86
C GLN A 150 9.64 11.66 -9.69
N VAL A 151 8.60 10.84 -9.89
CA VAL A 151 7.41 11.34 -10.55
C VAL A 151 6.77 12.45 -9.74
N ARG A 152 6.77 12.31 -8.41
CA ARG A 152 6.19 13.32 -7.54
C ARG A 152 7.08 14.56 -7.45
N GLY A 153 8.40 14.36 -7.39
CA GLY A 153 9.31 15.49 -7.38
C GLY A 153 9.39 16.19 -8.71
N ALA A 154 9.08 15.49 -9.80
CA ALA A 154 9.07 16.12 -11.12
C ALA A 154 8.04 17.23 -11.19
N TRP A 155 6.81 16.94 -10.74
CA TRP A 155 5.78 17.97 -10.69
C TRP A 155 6.21 19.13 -9.79
N ARG A 156 6.91 18.81 -8.69
CA ARG A 156 7.45 19.87 -7.84
C ARG A 156 8.43 20.74 -8.60
N GLN A 157 9.31 20.12 -9.40
CA GLN A 157 10.28 20.89 -10.18
C GLN A 157 9.61 21.60 -11.34
N ASP A 158 8.59 20.97 -11.95
CA ASP A 158 7.88 21.61 -13.06
C ASP A 158 7.15 22.87 -12.60
N LEU A 159 6.52 22.80 -11.43
CA LEU A 159 5.81 23.97 -10.90
C LEU A 159 6.78 25.12 -10.64
N ALA A 160 7.99 24.81 -10.16
CA ALA A 160 8.96 25.87 -9.91
C ALA A 160 9.46 26.48 -11.21
N ARG A 161 9.67 25.66 -12.25
CA ARG A 161 10.13 26.18 -13.52
C ARG A 161 9.11 27.11 -14.16
N VAL A 162 7.85 26.66 -14.21
CA VAL A 162 6.80 27.47 -14.81
C VAL A 162 6.54 28.71 -13.96
N GLY A 163 6.44 28.52 -12.63
CA GLY A 163 6.22 29.63 -11.73
C GLY A 163 7.33 30.67 -11.75
N ALA A 164 8.49 30.32 -12.28
CA ALA A 164 9.59 31.26 -12.43
C ALA A 164 9.53 32.04 -13.74
N GLU A 165 8.81 31.53 -14.74
CA GLU A 165 8.69 32.20 -16.03
C GLU A 165 7.29 32.68 -16.33
N PHE A 166 6.28 32.28 -15.55
CA PHE A 166 4.92 32.72 -15.76
C PHE A 166 4.30 33.09 -14.42
N GLU A 167 3.41 34.08 -14.44
CA GLU A 167 2.57 34.38 -13.29
C GLU A 167 1.42 33.39 -13.25
N ILE A 168 1.17 32.83 -12.07
CA ILE A 168 0.22 31.73 -11.90
C ILE A 168 -0.85 32.15 -10.90
N ALA A 169 -2.11 31.90 -11.24
CA ALA A 169 -3.20 32.28 -10.37
C ALA A 169 -3.12 31.51 -9.05
N PRO A 170 -3.33 32.16 -7.91
CA PRO A 170 -3.25 31.44 -6.63
C PRO A 170 -4.27 30.33 -6.50
N ALA A 171 -5.43 30.46 -7.14
CA ALA A 171 -6.42 29.40 -7.10
C ALA A 171 -5.87 28.11 -7.71
N LEU A 172 -5.08 28.24 -8.78
CA LEU A 172 -4.50 27.05 -9.42
C LEU A 172 -3.31 26.53 -8.63
N ARG A 173 -2.41 27.43 -8.23
CA ARG A 173 -1.24 27.01 -7.46
C ARG A 173 -1.66 26.31 -6.17
N GLU A 174 -2.55 26.93 -5.40
CA GLU A 174 -3.00 26.34 -4.15
C GLU A 174 -3.59 24.94 -4.37
N ARG A 175 -4.33 24.76 -5.46
CA ARG A 175 -4.87 23.42 -5.75
C ARG A 175 -3.75 22.43 -6.00
N TRP A 176 -2.73 22.83 -6.76
CA TRP A 176 -1.63 21.91 -7.05
C TRP A 176 -0.72 21.75 -5.83
N GLU A 177 -0.51 22.82 -5.07
CA GLU A 177 0.20 22.68 -3.79
C GLU A 177 -0.49 21.68 -2.89
N ALA A 178 -1.82 21.76 -2.80
CA ALA A 178 -2.57 20.78 -2.02
C ALA A 178 -2.52 19.40 -2.65
N TRP A 179 -2.43 19.33 -3.99
CA TRP A 179 -2.38 18.04 -4.66
C TRP A 179 -1.02 17.37 -4.46
N LEU A 180 0.06 18.16 -4.46
CA LEU A 180 1.38 17.60 -4.28
C LEU A 180 1.65 17.16 -2.85
N ALA A 181 0.95 17.74 -1.88
CA ALA A 181 1.17 17.41 -0.48
C ALA A 181 0.29 16.27 0.03
N ASP A 182 -0.70 15.84 -0.75
CA ASP A 182 -1.62 14.79 -0.33
C ASP A 182 -1.03 13.43 -0.70
N ASP A 183 -0.57 12.69 0.32
CA ASP A 183 0.09 11.41 0.06
C ASP A 183 -0.87 10.39 -0.55
N GLY A 184 -2.17 10.53 -0.31
CA GLY A 184 -3.12 9.55 -0.79
C GLY A 184 -3.24 9.50 -2.30
N CYS A 185 -2.96 10.60 -2.99
CA CYS A 185 -3.08 10.65 -4.44
C CYS A 185 -1.94 9.95 -5.16
N TRP A 186 -0.84 9.67 -4.47
CA TRP A 186 0.32 9.42 -5.31
C TRP A 186 0.67 7.94 -5.39
N PRO A 187 1.24 7.52 -6.51
CA PRO A 187 1.54 6.09 -6.70
C PRO A 187 2.75 5.66 -5.87
N GLY A 188 2.76 4.38 -5.52
CA GLY A 188 3.87 3.75 -4.86
C GLY A 188 4.71 2.87 -5.74
N HIS A 189 4.36 2.74 -7.01
CA HIS A 189 5.11 1.93 -7.97
C HIS A 189 5.07 2.59 -9.33
N SER A 190 6.15 2.40 -10.09
CA SER A 190 6.26 2.91 -11.44
C SER A 190 6.13 1.78 -12.45
N VAL A 191 5.54 2.09 -13.61
CA VAL A 191 5.31 1.10 -14.65
C VAL A 191 5.70 1.72 -15.99
N LEU A 192 5.72 0.87 -17.02
CA LEU A 192 5.84 1.36 -18.39
C LEU A 192 4.51 2.00 -18.80
N THR A 193 4.57 3.27 -19.21
CA THR A 193 3.38 4.04 -19.52
C THR A 193 3.40 4.51 -20.96
N HIS A 194 2.22 4.62 -21.55
CA HIS A 194 2.12 5.15 -22.91
C HIS A 194 2.45 6.63 -22.96
N GLY A 195 1.99 7.38 -21.96
CA GLY A 195 2.30 8.79 -21.84
C GLY A 195 1.28 9.74 -22.44
N GLU A 196 0.46 9.27 -23.37
CA GLU A 196 -0.52 10.12 -24.05
C GLU A 196 -1.68 9.25 -24.53
N LEU A 197 -2.28 8.52 -23.60
CA LEU A 197 -3.31 7.54 -23.93
C LEU A 197 -4.68 8.22 -23.93
N TYR A 198 -5.24 8.43 -25.12
CA TYR A 198 -6.59 8.92 -25.28
C TYR A 198 -7.07 8.51 -26.66
N PRO A 199 -8.41 8.39 -26.87
CA PRO A 199 -8.94 7.69 -28.06
C PRO A 199 -8.30 7.99 -29.40
N ALA A 200 -7.69 9.16 -29.57
CA ALA A 200 -7.06 9.46 -30.86
C ALA A 200 -5.91 8.50 -31.17
N HIS A 201 -5.32 7.88 -30.15
CA HIS A 201 -4.30 6.85 -30.34
C HIS A 201 -4.83 5.46 -30.03
N THR A 202 -6.15 5.31 -29.93
CA THR A 202 -6.80 4.05 -29.58
C THR A 202 -7.72 3.66 -30.73
N LEU A 203 -7.27 2.73 -31.57
CA LEU A 203 -8.07 2.28 -32.70
C LEU A 203 -9.07 1.23 -32.26
N VAL A 204 -10.34 1.46 -32.58
CA VAL A 204 -11.44 0.66 -32.05
C VAL A 204 -12.14 -0.07 -33.19
N GLU A 205 -12.69 -1.24 -32.85
CA GLU A 205 -13.58 -1.98 -33.73
C GLU A 205 -14.69 -2.56 -32.87
N ASP A 206 -15.91 -2.03 -33.05
CA ASP A 206 -17.05 -2.35 -32.19
C ASP A 206 -16.72 -2.01 -30.73
N GLU A 207 -16.27 -0.78 -30.54
CA GLU A 207 -15.89 -0.18 -29.26
C GLU A 207 -14.91 -1.02 -28.45
N ARG A 208 -14.14 -1.89 -29.08
CA ARG A 208 -13.05 -2.59 -28.44
C ARG A 208 -11.73 -2.15 -29.05
N ILE A 209 -10.72 -1.94 -28.20
CA ILE A 209 -9.41 -1.51 -28.68
C ILE A 209 -8.79 -2.64 -29.48
N THR A 210 -8.26 -2.32 -30.67
CA THR A 210 -7.56 -3.28 -31.49
C THR A 210 -6.11 -2.92 -31.77
N ALA A 211 -5.71 -1.66 -31.61
CA ALA A 211 -4.33 -1.24 -31.81
C ALA A 211 -4.12 0.12 -31.17
N VAL A 212 -2.88 0.38 -30.77
CA VAL A 212 -2.51 1.61 -30.08
C VAL A 212 -1.41 2.31 -30.87
N LEU A 213 -1.67 3.55 -31.27
CA LEU A 213 -0.74 4.31 -32.09
C LEU A 213 0.18 5.18 -31.23
N ASP A 214 1.31 5.56 -31.82
CA ASP A 214 2.17 6.61 -31.31
C ASP A 214 2.71 6.32 -29.91
N TRP A 215 3.96 5.87 -29.83
CA TRP A 215 4.61 5.61 -28.55
C TRP A 215 5.82 6.51 -28.35
N THR A 216 5.77 7.74 -28.88
CA THR A 216 6.86 8.67 -28.68
C THR A 216 6.96 9.14 -27.24
N THR A 217 5.83 9.20 -26.53
CA THR A 217 5.78 9.69 -25.16
C THR A 217 5.96 8.58 -24.13
N ALA A 218 6.36 7.38 -24.56
CA ALA A 218 6.45 6.24 -23.65
C ALA A 218 7.57 6.43 -22.65
N ALA A 219 7.28 6.12 -21.39
CA ALA A 219 8.26 6.27 -20.31
C ALA A 219 7.83 5.42 -19.13
N VAL A 220 8.79 5.16 -18.25
CA VAL A 220 8.51 4.44 -17.00
C VAL A 220 8.21 5.47 -15.92
N GLY A 221 7.00 5.43 -15.38
CA GLY A 221 6.59 6.40 -14.39
C GLY A 221 5.21 6.16 -13.82
N ASP A 222 4.40 7.20 -13.74
CA ASP A 222 3.14 7.14 -13.00
C ASP A 222 2.12 6.29 -13.73
N PRO A 223 1.62 5.20 -13.13
CA PRO A 223 0.60 4.39 -13.80
C PRO A 223 -0.68 5.14 -14.12
N ALA A 224 -1.01 6.19 -13.36
CA ALA A 224 -2.23 6.95 -13.61
C ALA A 224 -2.18 7.73 -14.91
N LYS A 225 -1.00 7.86 -15.54
CA LYS A 225 -0.86 8.64 -16.76
C LYS A 225 -1.80 8.14 -17.85
N ASP A 226 -1.87 6.81 -18.03
CA ASP A 226 -2.66 6.24 -19.12
C ASP A 226 -4.13 6.05 -18.77
N LEU A 227 -4.51 6.27 -17.51
CA LEU A 227 -5.91 6.16 -17.11
C LEU A 227 -6.57 7.51 -16.88
N PHE A 229 -7.20 10.40 -18.77
CA PHE A 229 -8.19 10.94 -19.70
C PHE A 229 -9.54 10.24 -19.55
N HIS A 230 -9.52 8.93 -19.36
CA HIS A 230 -10.77 8.19 -19.16
C HIS A 230 -11.44 8.61 -17.86
N GLN A 231 -10.66 8.83 -16.80
CA GLN A 231 -11.21 9.29 -15.54
C GLN A 231 -11.86 10.67 -15.69
N VAL A 232 -11.27 11.52 -16.53
CA VAL A 232 -11.77 12.87 -16.69
C VAL A 232 -12.99 12.91 -17.60
N SER A 233 -13.10 11.96 -18.54
CA SER A 233 -14.13 12.00 -19.56
C SER A 233 -15.36 11.16 -19.22
N ALA A 234 -15.17 10.02 -18.57
CA ALA A 234 -16.24 9.04 -18.40
C ALA A 234 -16.99 9.27 -17.10
N PRO A 235 -18.22 8.77 -17.00
CA PRO A 235 -18.92 8.76 -15.72
C PRO A 235 -18.17 7.94 -14.69
N SER A 236 -18.42 8.25 -13.42
CA SER A 236 -17.67 7.65 -12.32
C SER A 236 -17.76 6.13 -12.34
N ALA A 237 -18.96 5.59 -12.56
CA ALA A 237 -19.13 4.14 -12.59
C ALA A 237 -18.43 3.51 -13.79
N ILE A 238 -18.33 4.25 -14.91
CA ILE A 238 -17.66 3.71 -16.09
C ILE A 238 -16.16 3.61 -15.86
N PHE A 239 -15.57 4.55 -15.12
CA PHE A 239 -14.15 4.50 -14.86
C PHE A 239 -13.78 3.34 -13.94
N GLU A 240 -14.68 2.95 -13.03
CA GLU A 240 -14.43 1.78 -12.20
C GLU A 240 -14.59 0.48 -12.96
N VAL A 241 -15.36 0.49 -14.06
CA VAL A 241 -15.36 -0.64 -14.97
C VAL A 241 -13.96 -0.85 -15.56
N ALA A 242 -13.30 0.26 -15.92
CA ALA A 242 -11.93 0.17 -16.39
C ALA A 242 -10.98 -0.23 -15.28
N LEU A 243 -11.22 0.28 -14.06
CA LEU A 243 -10.37 -0.07 -12.93
C LEU A 243 -10.51 -1.55 -12.57
N GLN A 244 -11.73 -2.09 -12.64
CA GLN A 244 -11.93 -3.51 -12.37
C GLN A 244 -11.17 -4.37 -13.37
N ALA A 245 -11.30 -4.05 -14.66
CA ALA A 245 -10.52 -4.76 -15.67
C ALA A 245 -9.03 -4.52 -15.50
N TYR A 246 -8.65 -3.32 -15.03
CA TYR A 246 -7.25 -3.04 -14.76
C TYR A 246 -6.71 -3.93 -13.65
N ALA A 247 -7.49 -4.10 -12.58
CA ALA A 247 -7.02 -4.89 -11.44
C ALA A 247 -6.97 -6.37 -11.77
N GLU A 248 -8.00 -6.89 -12.45
CA GLU A 248 -8.05 -8.32 -12.74
C GLU A 248 -6.96 -8.76 -13.71
N GLY A 249 -6.39 -7.84 -14.49
CA GLY A 249 -5.31 -8.13 -15.40
C GLY A 249 -3.93 -7.88 -14.85
N GLY A 250 -3.80 -7.57 -13.55
CA GLY A 250 -2.52 -7.36 -12.92
C GLY A 250 -2.27 -5.94 -12.45
N GLY A 251 -3.12 -4.99 -12.80
CA GLY A 251 -2.93 -3.62 -12.34
C GLY A 251 -3.14 -3.49 -10.85
N ARG A 252 -2.40 -2.56 -10.24
CA ARG A 252 -2.43 -2.32 -8.80
C ARG A 252 -2.84 -0.88 -8.55
N PRO A 253 -4.14 -0.57 -8.65
CA PRO A 253 -4.58 0.81 -8.42
C PRO A 253 -4.75 1.11 -6.94
N TRP A 254 -4.40 2.33 -6.56
CA TRP A 254 -4.52 2.82 -5.19
C TRP A 254 -5.80 3.64 -5.05
N PRO A 255 -6.33 3.76 -3.82
CA PRO A 255 -7.66 4.38 -3.66
C PRO A 255 -7.74 5.82 -4.16
N GLY A 256 -6.69 6.61 -4.03
CA GLY A 256 -6.75 8.00 -4.45
C GLY A 256 -6.37 8.21 -5.91
N LEU A 257 -6.44 7.14 -6.70
CA LEU A 257 -6.04 7.23 -8.10
C LEU A 257 -7.01 8.13 -8.89
N ALA A 258 -8.32 7.95 -8.68
CA ALA A 258 -9.29 8.72 -9.45
C ALA A 258 -9.18 10.21 -9.16
N ARG A 259 -9.01 10.58 -7.89
CA ARG A 259 -8.74 11.97 -7.57
C ARG A 259 -7.42 12.43 -8.19
N HIS A 260 -6.40 11.56 -8.17
CA HIS A 260 -5.10 11.91 -8.72
C HIS A 260 -5.19 12.25 -10.20
N CYS A 261 -5.97 11.47 -10.95
CA CYS A 261 -6.16 11.76 -12.38
C CYS A 261 -6.87 13.08 -12.61
N THR A 262 -7.84 13.41 -11.76
CA THR A 262 -8.54 14.69 -11.90
C THR A 262 -7.62 15.86 -11.56
N GLU A 263 -6.84 15.73 -10.48
CA GLU A 263 -5.91 16.80 -10.12
C GLU A 263 -4.83 16.97 -11.18
N PHE A 265 -5.03 16.35 -14.30
CA PHE A 265 -5.60 16.97 -15.49
C PHE A 265 -5.77 18.47 -15.30
N SER A 266 -6.08 18.91 -14.08
CA SER A 266 -6.17 20.34 -13.79
C SER A 266 -4.82 21.03 -13.85
N ALA A 267 -3.72 20.28 -13.88
CA ALA A 267 -2.38 20.83 -14.00
C ALA A 267 -1.90 20.93 -15.44
N ALA A 268 -2.81 20.80 -16.40
CA ALA A 268 -2.42 20.94 -17.81
C ALA A 268 -1.79 22.29 -18.13
N PRO A 269 -2.20 23.42 -17.54
CA PRO A 269 -1.45 24.67 -17.78
C PRO A 269 0.04 24.56 -17.49
N LEU A 270 0.43 23.78 -16.47
CA LEU A 270 1.86 23.53 -16.25
C LEU A 270 2.50 22.89 -17.47
N GLY A 271 1.79 21.96 -18.11
CA GLY A 271 2.32 21.36 -19.32
C GLY A 271 2.46 22.35 -20.46
N TYR A 272 1.47 23.24 -20.63
CA TYR A 272 1.56 24.27 -21.65
C TYR A 272 2.68 25.26 -21.35
N GLY A 273 2.96 25.50 -20.06
CA GLY A 273 4.05 26.40 -19.70
C GLY A 273 5.40 25.82 -20.05
N LEU A 274 5.63 24.55 -19.72
CA LEU A 274 6.88 23.90 -20.10
C LEU A 274 7.04 23.81 -21.60
N TYR A 275 5.93 23.64 -22.32
CA TYR A 275 5.99 23.54 -23.78
C TYR A 275 6.42 24.87 -24.40
N ALA A 276 5.85 25.98 -23.92
CA ALA A 276 6.19 27.28 -24.49
C ALA A 276 7.64 27.67 -24.21
N LEU A 277 8.22 27.15 -23.13
CA LEU A 277 9.62 27.46 -22.82
C LEU A 277 10.57 26.75 -23.79
N ALA A 278 10.27 25.50 -24.13
CA ALA A 278 11.11 24.77 -25.07
C ALA A 278 10.85 25.22 -26.50
N THR A 279 9.65 25.69 -26.79
CA THR A 279 9.28 26.04 -28.15
C THR A 279 9.71 27.48 -28.46
N GLY A 280 9.28 28.44 -27.66
CA GLY A 280 9.75 29.81 -27.78
C GLY A 280 8.84 30.75 -28.55
N GLU A 281 7.89 30.23 -29.32
CA GLU A 281 6.99 31.11 -30.08
C GLU A 281 6.10 31.90 -29.13
N ALA A 282 5.98 33.21 -29.40
CA ALA A 282 5.26 34.09 -28.51
C ALA A 282 3.79 33.71 -28.38
N ALA A 283 3.21 33.14 -29.44
CA ALA A 283 1.82 32.69 -29.36
C ALA A 283 1.67 31.50 -28.41
N HIS A 284 2.71 30.67 -28.30
CA HIS A 284 2.62 29.49 -27.44
C HIS A 284 2.75 29.85 -25.96
N ARG A 285 3.38 30.97 -25.64
CA ARG A 285 3.37 31.49 -24.27
C ARG A 285 2.26 32.49 -24.03
N GLU A 286 1.70 33.07 -25.09
CA GLU A 286 0.44 33.78 -24.99
C GLU A 286 -0.64 32.89 -24.37
N ALA A 287 -0.76 31.63 -24.83
CA ALA A 287 -1.83 30.75 -24.32
C ALA A 287 -1.44 30.09 -23.02
N ALA A 288 -0.14 29.86 -22.80
CA ALA A 288 0.33 29.31 -21.53
C ALA A 288 0.08 30.31 -20.39
N ALA A 289 0.47 31.57 -20.59
CA ALA A 289 0.20 32.59 -19.59
C ALA A 289 -1.28 32.77 -19.35
N ALA A 290 -2.11 32.63 -20.39
CA ALA A 290 -3.54 32.76 -20.22
C ALA A 290 -4.13 31.56 -19.48
N ALA A 291 -3.51 30.39 -19.61
CA ALA A 291 -4.00 29.23 -18.89
C ALA A 291 -3.57 29.25 -17.43
N LEU A 292 -2.32 29.64 -17.16
CA LEU A 292 -1.80 29.68 -15.80
C LEU A 292 -2.33 30.87 -15.02
N ASN A 293 -2.77 31.94 -15.69
CA ASN A 293 -3.35 33.11 -15.04
C ASN A 293 -4.62 33.50 -15.79
N PRO A 294 -5.74 32.85 -15.47
CA PRO A 294 -6.99 33.17 -16.15
C PRO A 294 -7.48 34.53 -15.74
N PRO A 295 -8.16 35.26 -16.62
CA PRO A 295 -8.71 36.57 -16.27
C PRO A 295 -9.97 36.43 -15.43
N GLU A 296 -10.51 37.58 -15.03
CA GLU A 296 -11.77 37.59 -14.29
C GLU A 296 -12.92 37.16 -15.20
N GLU A 297 -13.82 36.34 -14.65
CA GLU A 297 -15.04 36.01 -15.36
C GLU A 297 -15.94 37.23 -15.43
N ARG A 298 -16.52 37.46 -16.60
CA ARG A 298 -17.40 38.61 -16.81
C ARG A 298 -18.78 38.17 -17.26
N PRO B 2 -1.88 -2.88 -2.83
CA PRO B 2 -0.55 -3.38 -2.49
C PRO B 2 0.42 -3.23 -3.66
N GLU B 3 1.04 -2.06 -3.76
CA GLU B 3 1.92 -1.75 -4.88
C GLU B 3 3.32 -2.32 -4.72
N ASP B 4 3.68 -2.77 -3.52
CA ASP B 4 4.96 -3.42 -3.24
C ASP B 4 4.93 -4.91 -3.58
N LEU B 5 4.04 -5.33 -4.48
CA LEU B 5 3.68 -6.74 -4.61
C LEU B 5 4.86 -7.58 -5.08
N ASP B 6 5.41 -7.28 -6.26
CA ASP B 6 6.46 -8.11 -6.81
C ASP B 6 7.71 -8.11 -5.95
N ALA B 7 7.96 -7.01 -5.23
CA ALA B 7 9.02 -7.02 -4.22
C ALA B 7 8.64 -7.89 -3.04
N LEU B 8 7.37 -7.86 -2.64
CA LEU B 8 6.90 -8.73 -1.56
C LEU B 8 6.99 -10.20 -1.97
N LEU B 9 6.73 -10.49 -3.25
CA LEU B 9 6.81 -11.87 -3.72
C LEU B 9 8.26 -12.33 -3.85
N ASP B 10 9.14 -11.45 -4.34
CA ASP B 10 10.55 -11.78 -4.42
C ASP B 10 11.13 -12.10 -3.05
N LEU B 11 10.66 -11.39 -2.02
CA LEU B 11 11.13 -11.66 -0.66
C LEU B 11 10.67 -13.03 -0.20
N ALA B 12 9.38 -13.32 -0.35
CA ALA B 12 8.87 -14.64 0.02
C ALA B 12 9.56 -15.73 -0.79
N ALA B 13 9.74 -15.50 -2.09
CA ALA B 13 10.40 -16.49 -2.94
C ALA B 13 11.84 -16.73 -2.50
N ARG B 14 12.57 -15.64 -2.22
CA ARG B 14 13.97 -15.76 -1.85
C ARG B 14 14.18 -16.68 -0.64
N HIS B 15 13.20 -16.74 0.26
CA HIS B 15 13.27 -17.58 1.44
C HIS B 15 12.62 -18.94 1.23
N GLY B 16 12.33 -19.32 -0.01
CA GLY B 16 11.77 -20.62 -0.29
C GLY B 16 10.27 -20.71 -0.12
N LEU B 17 9.56 -19.60 -0.19
CA LEU B 17 8.11 -19.56 -0.01
C LEU B 17 7.49 -18.93 -1.25
N ASP B 18 6.82 -19.75 -2.06
CA ASP B 18 6.23 -19.29 -3.32
C ASP B 18 4.73 -19.07 -3.10
N LEU B 19 4.31 -17.81 -3.15
CA LEU B 19 2.93 -17.43 -2.91
C LEU B 19 2.26 -16.99 -4.20
N ASP B 20 0.93 -16.97 -4.16
CA ASP B 20 0.12 -16.43 -5.24
C ASP B 20 -0.12 -14.95 -4.99
N GLY B 21 0.39 -14.10 -5.89
CA GLY B 21 0.27 -12.67 -5.71
C GLY B 21 -1.16 -12.16 -5.69
N GLY B 22 -2.09 -12.90 -6.28
CA GLY B 22 -3.48 -12.47 -6.31
C GLY B 22 -4.17 -12.52 -4.97
N THR B 23 -3.71 -13.37 -4.06
CA THR B 23 -4.30 -13.49 -2.73
C THR B 23 -3.54 -12.71 -1.67
N LEU B 24 -2.55 -11.91 -2.06
CA LEU B 24 -1.69 -11.23 -1.11
C LEU B 24 -2.37 -9.94 -0.65
N ARG B 25 -2.88 -9.95 0.57
CA ARG B 25 -3.46 -8.78 1.20
C ARG B 25 -2.47 -8.25 2.23
N THR B 26 -2.83 -7.17 2.89
CA THR B 26 -1.83 -6.52 3.73
C THR B 26 -2.48 -5.57 4.72
N GLU B 27 -1.69 -5.23 5.72
CA GLU B 27 -2.15 -4.46 6.87
C GLU B 27 -0.97 -3.61 7.34
N GLU B 28 -0.94 -2.34 6.94
CA GLU B 28 0.22 -1.49 7.20
C GLU B 28 0.14 -0.66 8.47
N ILE B 29 -0.85 -0.88 9.35
CA ILE B 29 -0.96 0.04 10.49
C ILE B 29 0.14 -0.21 11.54
N GLY B 30 0.79 -1.36 11.52
CA GLY B 30 1.74 -1.70 12.57
C GLY B 30 2.94 -0.79 12.55
N LEU B 31 3.30 -0.27 13.72
CA LEU B 31 4.46 0.61 13.88
C LEU B 31 5.76 -0.15 14.04
N ASP B 32 5.70 -1.47 14.18
CA ASP B 32 6.88 -2.31 14.39
C ASP B 32 7.13 -3.24 13.21
N PHE B 33 6.13 -4.01 12.81
CA PHE B 33 6.18 -4.85 11.63
C PHE B 33 5.14 -4.37 10.63
N ARG B 34 5.18 -4.96 9.44
CA ARG B 34 4.21 -4.70 8.39
C ARG B 34 3.67 -6.05 7.93
N VAL B 35 2.43 -6.35 8.31
CA VAL B 35 1.90 -7.70 8.18
C VAL B 35 1.19 -7.84 6.84
N ALA B 36 1.48 -8.94 6.14
CA ALA B 36 0.82 -9.28 4.88
C ALA B 36 0.27 -10.70 4.98
N PHE B 37 -0.89 -10.92 4.39
CA PHE B 37 -1.53 -12.23 4.34
C PHE B 37 -1.53 -12.73 2.90
N ALA B 38 -1.02 -13.94 2.71
CA ALA B 38 -0.95 -14.51 1.36
C ALA B 38 -1.13 -16.01 1.44
N ARG B 39 -1.38 -16.61 0.28
CA ARG B 39 -1.60 -18.04 0.13
C ARG B 39 -0.58 -18.60 -0.84
N ALA B 40 0.11 -19.66 -0.43
CA ALA B 40 1.13 -20.26 -1.27
C ALA B 40 0.49 -21.08 -2.39
N HIS B 41 1.33 -21.52 -3.34
CA HIS B 41 0.87 -22.41 -4.39
C HIS B 41 0.39 -23.74 -3.85
N ASP B 42 0.90 -24.16 -2.69
CA ASP B 42 0.37 -25.33 -1.99
C ASP B 42 -1.13 -25.18 -1.76
N GLY B 43 -1.59 -23.99 -1.42
CA GLY B 43 -2.94 -23.76 -0.96
C GLY B 43 -3.01 -23.42 0.52
N GLY B 44 -1.92 -23.64 1.25
CA GLY B 44 -1.89 -23.21 2.63
C GLY B 44 -1.73 -21.71 2.75
N ASP B 45 -2.19 -21.17 3.88
CA ASP B 45 -2.19 -19.75 4.13
C ASP B 45 -0.97 -19.36 4.96
N TRP B 46 -0.41 -18.19 4.68
CA TRP B 46 0.79 -17.72 5.33
C TRP B 46 0.61 -16.29 5.82
N VAL B 47 1.34 -15.95 6.87
CA VAL B 47 1.38 -14.60 7.42
C VAL B 47 2.81 -14.11 7.32
N LEU B 48 2.99 -12.92 6.75
CA LEU B 48 4.30 -12.35 6.51
C LEU B 48 4.44 -11.06 7.34
N ARG B 49 5.41 -11.04 8.24
CA ARG B 49 5.69 -9.89 9.07
C ARG B 49 7.00 -9.25 8.61
N LEU B 50 6.91 -8.05 8.03
CA LEU B 50 8.08 -7.35 7.54
C LEU B 50 8.56 -6.38 8.63
N PRO B 51 9.75 -6.58 9.19
CA PRO B 51 10.24 -5.66 10.22
C PRO B 51 10.49 -4.27 9.64
N ARG B 52 9.87 -3.26 10.26
CA ARG B 52 9.98 -1.90 9.75
C ARG B 52 11.37 -1.33 9.95
N ARG B 53 12.00 -1.63 11.08
CA ARG B 53 13.29 -1.07 11.45
C ARG B 53 14.18 -2.19 11.96
N PRO B 54 15.49 -1.98 11.99
CA PRO B 54 16.37 -2.97 12.64
C PRO B 54 16.12 -3.12 14.12
N ASP B 55 15.75 -2.03 14.81
CA ASP B 55 15.61 -2.06 16.26
C ASP B 55 14.36 -2.81 16.73
N VAL B 56 13.58 -3.42 15.83
CA VAL B 56 12.48 -4.29 16.24
C VAL B 56 12.89 -5.75 16.29
N LEU B 57 14.07 -6.08 15.79
CA LEU B 57 14.46 -7.49 15.64
C LEU B 57 14.80 -8.15 16.97
N GLU B 58 15.23 -7.37 17.98
CA GLU B 58 15.64 -7.97 19.24
C GLU B 58 14.49 -8.71 19.90
N ARG B 59 13.32 -8.07 19.99
CA ARG B 59 12.16 -8.74 20.58
C ARG B 59 11.65 -9.87 19.70
N ALA B 60 11.83 -9.76 18.39
CA ALA B 60 11.54 -10.88 17.51
C ALA B 60 12.47 -12.05 17.82
N ALA B 61 13.73 -11.77 18.15
CA ALA B 61 14.68 -12.83 18.47
C ALA B 61 14.26 -13.58 19.72
N VAL B 62 13.78 -12.86 20.74
CA VAL B 62 13.30 -13.52 21.95
C VAL B 62 11.99 -14.25 21.69
N GLU B 63 11.11 -13.63 20.89
CA GLU B 63 9.80 -14.22 20.62
C GLU B 63 9.93 -15.58 19.95
N GLY B 64 10.83 -15.69 18.97
CA GLY B 64 11.01 -16.95 18.27
C GLY B 64 11.55 -18.04 19.19
N ARG B 65 12.53 -17.70 20.03
CA ARG B 65 13.07 -18.69 20.96
C ARG B 65 12.03 -19.12 21.98
N LEU B 66 11.13 -18.21 22.38
CA LEU B 66 10.06 -18.59 23.30
C LEU B 66 8.99 -19.41 22.58
N LEU B 67 8.59 -18.98 21.38
CA LEU B 67 7.58 -19.71 20.63
C LEU B 67 8.08 -21.11 20.26
N ALA B 68 9.35 -21.23 19.90
CA ALA B 68 9.92 -22.54 19.61
C ALA B 68 9.93 -23.45 20.82
N LEU B 70 7.64 -22.79 23.69
CA LEU B 70 6.32 -22.78 24.31
C LEU B 70 5.31 -23.67 23.60
N ALA B 71 5.44 -23.81 22.28
CA ALA B 71 4.44 -24.50 21.47
C ALA B 71 4.06 -25.88 22.00
N PRO B 72 5.00 -26.78 22.35
CA PRO B 72 4.58 -28.13 22.79
C PRO B 72 3.69 -28.15 24.02
N HIS B 73 3.69 -27.09 24.83
CA HIS B 73 3.00 -27.09 26.12
C HIS B 73 1.56 -26.59 26.04
N LEU B 74 1.05 -26.26 24.86
CA LEU B 74 -0.26 -25.62 24.75
C LEU B 74 -1.16 -26.42 23.82
N ASP B 75 -2.46 -26.45 24.16
CA ASP B 75 -3.46 -27.00 23.26
C ASP B 75 -3.77 -26.03 22.13
N VAL B 76 -3.84 -24.73 22.46
CA VAL B 76 -4.05 -23.72 21.44
C VAL B 76 -2.78 -23.52 20.64
N ALA B 77 -2.93 -23.10 19.38
CA ALA B 77 -1.78 -22.89 18.53
C ALA B 77 -1.12 -21.55 18.84
N VAL B 78 0.18 -21.48 18.58
CA VAL B 78 0.92 -20.22 18.64
C VAL B 78 1.74 -20.12 17.37
N PRO B 79 2.10 -18.91 16.91
CA PRO B 79 2.79 -18.78 15.61
C PRO B 79 4.03 -19.65 15.49
N ASP B 80 3.97 -20.62 14.58
CA ASP B 80 5.08 -21.55 14.34
C ASP B 80 5.95 -20.97 13.24
N TRP B 81 6.94 -20.16 13.65
CA TRP B 81 7.82 -19.52 12.70
C TRP B 81 8.63 -20.55 11.92
N ARG B 82 8.48 -20.55 10.59
CA ARG B 82 9.29 -21.37 9.72
C ARG B 82 10.29 -20.57 8.90
N ILE B 83 10.11 -19.25 8.82
CA ILE B 83 11.10 -18.33 8.29
C ILE B 83 11.28 -17.21 9.31
N SER B 84 12.54 -16.98 9.73
CA SER B 84 12.84 -15.97 10.74
C SER B 84 14.18 -15.33 10.38
N THR B 85 14.12 -14.27 9.58
CA THR B 85 15.29 -13.50 9.20
C THR B 85 15.15 -12.06 9.68
N SER B 86 16.16 -11.25 9.42
CA SER B 86 16.11 -9.83 9.77
C SER B 86 15.25 -9.02 8.81
N GLU B 87 14.65 -9.65 7.81
CA GLU B 87 13.78 -8.95 6.87
C GLU B 87 12.47 -9.68 6.59
N LEU B 88 12.21 -10.83 7.21
CA LEU B 88 10.94 -11.52 7.04
C LEU B 88 10.75 -12.53 8.16
N ILE B 89 9.54 -12.54 8.73
CA ILE B 89 9.09 -13.59 9.62
C ILE B 89 7.82 -14.17 9.02
N ALA B 90 7.82 -15.47 8.74
CA ALA B 90 6.71 -16.12 8.07
C ALA B 90 6.27 -17.34 8.86
N TYR B 91 4.97 -17.48 9.07
CA TYR B 91 4.39 -18.64 9.71
C TYR B 91 3.01 -18.88 9.11
N PRO B 92 2.52 -20.12 9.16
CA PRO B 92 1.18 -20.39 8.62
C PRO B 92 0.11 -19.59 9.35
N LEU B 93 -0.96 -19.27 8.62
CA LEU B 93 -2.08 -18.58 9.22
C LEU B 93 -2.71 -19.45 10.31
N LEU B 94 -2.99 -18.85 11.44
CA LEU B 94 -3.52 -19.63 12.55
C LEU B 94 -5.05 -19.67 12.50
N PRO B 95 -5.66 -20.75 12.99
CA PRO B 95 -7.12 -20.86 12.91
C PRO B 95 -7.81 -19.92 13.87
N GLY B 96 -9.05 -19.57 13.52
CA GLY B 96 -9.86 -18.70 14.34
C GLY B 96 -9.73 -17.23 13.95
N SER B 97 -10.74 -16.46 14.36
CA SER B 97 -10.81 -15.02 14.13
C SER B 97 -10.63 -14.27 15.44
N PRO B 98 -10.03 -13.08 15.40
CA PRO B 98 -9.68 -12.39 16.66
C PRO B 98 -10.91 -12.03 17.48
N GLY B 99 -10.70 -11.95 18.80
CA GLY B 99 -11.79 -11.60 19.70
C GLY B 99 -12.35 -10.22 19.42
N LEU B 100 -11.47 -9.28 19.06
CA LEU B 100 -11.90 -7.96 18.63
C LEU B 100 -11.06 -7.55 17.43
N THR B 101 -11.68 -6.80 16.52
CA THR B 101 -11.00 -6.27 15.37
C THR B 101 -11.12 -4.75 15.36
N VAL B 102 -10.20 -4.11 14.66
CA VAL B 102 -10.12 -2.66 14.55
C VAL B 102 -10.18 -2.29 13.08
N ALA B 103 -10.89 -1.21 12.77
CA ALA B 103 -11.00 -0.73 11.40
C ALA B 103 -10.24 0.59 11.28
N ALA B 104 -10.10 1.07 10.03
CA ALA B 104 -9.32 2.26 9.77
C ALA B 104 -9.90 3.49 10.45
N ASP B 105 -11.23 3.58 10.55
CA ASP B 105 -11.86 4.64 11.34
C ASP B 105 -11.44 4.55 12.80
N GLY B 106 -11.75 3.43 13.44
CA GLY B 106 -11.44 3.23 14.84
C GLY B 106 -12.54 2.49 15.57
N GLU B 107 -13.56 2.05 14.84
CA GLU B 107 -14.63 1.28 15.46
C GLU B 107 -14.13 -0.12 15.81
N VAL B 108 -14.12 -0.43 17.10
CA VAL B 108 -13.67 -1.73 17.59
C VAL B 108 -14.83 -2.70 17.50
N SER B 109 -14.69 -3.74 16.67
CA SER B 109 -15.73 -4.75 16.48
C SER B 109 -15.51 -5.87 17.48
N TRP B 110 -16.46 -6.04 18.40
CA TRP B 110 -16.39 -7.10 19.40
C TRP B 110 -17.00 -8.36 18.81
N HIS B 111 -16.16 -9.38 18.62
CA HIS B 111 -16.62 -10.66 18.09
C HIS B 111 -16.89 -11.69 19.18
N VAL B 112 -16.47 -11.42 20.41
CA VAL B 112 -16.85 -12.21 21.57
C VAL B 112 -17.36 -11.25 22.64
N ASP B 113 -18.38 -11.68 23.37
CA ASP B 113 -18.85 -10.94 24.54
C ASP B 113 -18.14 -11.45 25.78
N ALA B 115 -18.89 -11.41 28.74
CA ALA B 115 -19.80 -12.10 29.64
C ALA B 115 -20.09 -13.53 29.21
N SER B 116 -19.41 -14.03 28.18
CA SER B 116 -19.63 -15.39 27.71
C SER B 116 -18.95 -16.39 28.63
N THR B 117 -19.71 -17.40 29.06
CA THR B 117 -19.13 -18.48 29.86
C THR B 117 -18.22 -19.37 29.01
N VAL B 118 -18.52 -19.49 27.72
CA VAL B 118 -17.69 -20.31 26.85
C VAL B 118 -16.30 -19.72 26.70
N TYR B 119 -16.22 -18.40 26.47
CA TYR B 119 -14.93 -17.74 26.37
C TYR B 119 -14.19 -17.71 27.71
N ALA B 120 -14.94 -17.63 28.81
CA ALA B 120 -14.30 -17.57 30.13
C ALA B 120 -13.64 -18.90 30.47
N ARG B 121 -14.35 -20.01 30.25
CA ARG B 121 -13.76 -21.32 30.51
C ARG B 121 -12.57 -21.56 29.59
N SER B 122 -12.65 -21.12 28.34
CA SER B 122 -11.54 -21.30 27.42
C SER B 122 -10.33 -20.50 27.87
N LEU B 123 -10.54 -19.25 28.29
CA LEU B 123 -9.43 -18.42 28.75
C LEU B 123 -8.75 -19.03 29.96
N GLY B 124 -9.53 -19.45 30.96
CA GLY B 124 -8.94 -19.98 32.18
C GLY B 124 -8.10 -21.23 31.94
N SER B 125 -8.49 -22.05 30.98
CA SER B 125 -7.71 -23.26 30.70
C SER B 125 -6.46 -22.98 29.89
N VAL B 126 -6.52 -22.02 28.96
CA VAL B 126 -5.33 -21.63 28.20
C VAL B 126 -4.32 -20.96 29.12
N VAL B 127 -4.79 -20.06 29.99
CA VAL B 127 -3.90 -19.38 30.92
C VAL B 127 -3.28 -20.37 31.89
N ALA B 128 -4.07 -21.36 32.34
CA ALA B 128 -3.53 -22.39 33.21
C ALA B 128 -2.45 -23.20 32.52
N GLN B 129 -2.69 -23.57 31.26
CA GLN B 129 -1.69 -24.28 30.47
C GLN B 129 -0.40 -23.48 30.37
N LEU B 130 -0.52 -22.19 30.03
CA LEU B 130 0.65 -21.34 29.89
C LEU B 130 1.38 -21.18 31.21
N HIS B 131 0.63 -20.98 32.30
CA HIS B 131 1.24 -20.82 33.62
C HIS B 131 1.85 -22.11 34.15
N ALA B 132 1.54 -23.26 33.56
CA ALA B 132 2.10 -24.52 34.00
C ALA B 132 3.50 -24.76 33.46
N VAL B 133 3.97 -23.92 32.54
CA VAL B 133 5.25 -24.13 31.87
C VAL B 133 6.38 -23.73 32.81
N ASP B 134 7.46 -24.53 32.79
CA ASP B 134 8.61 -24.28 33.64
C ASP B 134 9.17 -22.89 33.40
N ALA B 135 9.30 -22.11 34.48
CA ALA B 135 9.74 -20.73 34.35
C ALA B 135 11.22 -20.63 34.04
N GLU B 136 12.05 -21.45 34.71
CA GLU B 136 13.49 -21.40 34.47
C GLU B 136 13.83 -21.79 33.03
N ALA B 137 13.04 -22.67 32.43
CA ALA B 137 13.25 -23.01 31.02
C ALA B 137 12.93 -21.80 30.13
N ALA B 138 11.82 -21.13 30.40
CA ALA B 138 11.45 -19.94 29.63
C ALA B 138 12.37 -18.77 29.90
N ALA B 139 13.07 -18.76 31.04
CA ALA B 139 13.98 -17.67 31.35
C ALA B 139 15.19 -17.67 30.42
N ALA B 140 15.58 -18.83 29.89
CA ALA B 140 16.73 -18.92 29.01
C ALA B 140 16.46 -18.32 27.63
N THR B 141 15.23 -17.91 27.35
CA THR B 141 14.91 -17.29 26.07
C THR B 141 15.35 -15.83 26.00
N GLY B 142 15.56 -15.19 27.15
CA GLY B 142 15.88 -13.78 27.20
C GLY B 142 14.76 -12.88 27.64
N ILE B 143 13.66 -13.42 28.15
CA ILE B 143 12.57 -12.60 28.64
C ILE B 143 12.93 -12.03 30.02
N GLU B 144 12.22 -10.98 30.40
CA GLU B 144 12.38 -10.42 31.74
C GLU B 144 11.89 -11.43 32.78
N VAL B 145 12.65 -11.56 33.86
CA VAL B 145 12.32 -12.48 34.95
C VAL B 145 12.27 -11.67 36.24
N ARG B 146 11.13 -11.73 36.92
CA ARG B 146 10.95 -11.07 38.22
C ARG B 146 10.28 -12.04 39.18
N SER B 147 10.90 -12.21 40.35
CA SER B 147 10.31 -13.01 41.40
C SER B 147 9.07 -12.30 41.94
N PRO B 148 8.24 -13.00 42.71
CA PRO B 148 7.09 -12.33 43.35
C PRO B 148 7.49 -11.08 44.11
N ALA B 149 8.59 -11.12 44.86
CA ALA B 149 9.06 -9.94 45.57
C ALA B 149 9.42 -8.83 44.59
N GLN B 150 10.03 -9.18 43.46
CA GLN B 150 10.44 -8.17 42.50
C GLN B 150 9.25 -7.61 41.72
N VAL B 151 8.18 -8.40 41.57
CA VAL B 151 6.97 -7.88 40.93
C VAL B 151 6.37 -6.77 41.77
N ARG B 152 6.29 -6.98 43.09
CA ARG B 152 5.76 -5.95 43.96
C ARG B 152 6.72 -4.78 44.08
N GLY B 153 8.02 -5.05 44.15
CA GLY B 153 8.99 -3.98 44.23
C GLY B 153 9.07 -3.16 42.96
N ALA B 154 8.78 -3.77 41.80
CA ALA B 154 8.81 -3.03 40.55
C ALA B 154 7.71 -1.99 40.51
N TRP B 155 6.49 -2.36 40.90
CA TRP B 155 5.39 -1.41 40.96
C TRP B 155 5.72 -0.24 41.89
N ARG B 156 6.45 -0.52 42.98
CA ARG B 156 6.84 0.54 43.89
C ARG B 156 7.83 1.50 43.25
N GLN B 157 8.83 0.96 42.54
CA GLN B 157 9.80 1.82 41.87
C GLN B 157 9.14 2.64 40.76
N ASP B 158 8.17 2.04 40.06
CA ASP B 158 7.48 2.76 39.00
C ASP B 158 6.66 3.92 39.56
N LEU B 159 6.06 3.72 40.73
CA LEU B 159 5.32 4.81 41.38
C LEU B 159 6.23 5.96 41.73
N ALA B 160 7.42 5.65 42.25
CA ALA B 160 8.37 6.71 42.59
C ALA B 160 8.93 7.39 41.35
N ARG B 161 9.24 6.60 40.31
CA ARG B 161 9.78 7.17 39.09
C ARG B 161 8.79 8.13 38.44
N VAL B 162 7.52 7.76 38.39
CA VAL B 162 6.51 8.57 37.72
C VAL B 162 6.16 9.79 38.56
N GLY B 163 5.94 9.59 39.86
CA GLY B 163 5.64 10.71 40.73
C GLY B 163 6.75 11.74 40.84
N ALA B 164 7.99 11.34 40.52
CA ALA B 164 9.09 12.29 40.52
C ALA B 164 9.07 13.19 39.29
N GLU B 165 8.47 12.72 38.20
CA GLU B 165 8.42 13.47 36.96
C GLU B 165 7.04 14.01 36.61
N PHE B 166 5.98 13.44 37.18
CA PHE B 166 4.61 13.86 36.90
C PHE B 166 3.92 14.25 38.19
N GLU B 167 3.10 15.30 38.12
CA GLU B 167 2.15 15.55 39.19
C GLU B 167 1.06 14.49 39.15
N ILE B 168 0.82 13.84 40.27
CA ILE B 168 -0.16 12.76 40.38
C ILE B 168 -1.26 13.21 41.31
N ALA B 169 -2.51 13.01 40.90
CA ALA B 169 -3.64 13.36 41.74
C ALA B 169 -3.58 12.56 43.04
N PRO B 170 -3.80 13.21 44.19
CA PRO B 170 -3.70 12.47 45.46
C PRO B 170 -4.66 11.30 45.58
N ALA B 171 -5.86 11.42 44.99
CA ALA B 171 -6.80 10.31 45.01
C ALA B 171 -6.23 9.08 44.31
N LEU B 172 -5.50 9.30 43.21
CA LEU B 172 -4.89 8.18 42.49
C LEU B 172 -3.69 7.63 43.25
N ARG B 173 -2.83 8.51 43.76
CA ARG B 173 -1.66 8.07 44.50
C ARG B 173 -2.06 7.26 45.74
N GLU B 174 -3.07 7.76 46.48
CA GLU B 174 -3.45 7.09 47.72
C GLU B 174 -4.14 5.75 47.46
N ARG B 175 -4.80 5.60 46.32
CA ARG B 175 -5.34 4.28 45.97
C ARG B 175 -4.23 3.31 45.62
N TRP B 176 -3.22 3.78 44.87
CA TRP B 176 -2.13 2.90 44.47
C TRP B 176 -1.25 2.51 45.65
N GLU B 177 -1.01 3.45 46.57
CA GLU B 177 -0.21 3.14 47.74
CA GLU B 177 -0.21 3.15 47.75
C GLU B 177 -0.92 2.14 48.64
N ALA B 178 -2.25 2.29 48.80
CA ALA B 178 -3.02 1.30 49.55
C ALA B 178 -3.07 -0.04 48.83
N TRP B 179 -2.89 -0.03 47.51
CA TRP B 179 -2.81 -1.28 46.76
C TRP B 179 -1.46 -1.97 46.97
N LEU B 180 -0.38 -1.18 46.99
CA LEU B 180 0.95 -1.73 47.22
C LEU B 180 1.14 -2.23 48.64
N ALA B 181 0.29 -1.81 49.57
CA ALA B 181 0.41 -2.20 50.97
C ALA B 181 -0.53 -3.34 51.37
N ASP B 182 -1.52 -3.66 50.53
CA ASP B 182 -2.44 -4.75 50.82
C ASP B 182 -1.76 -6.08 50.50
N ASP B 183 -1.38 -6.82 51.55
CA ASP B 183 -0.71 -8.10 51.35
C ASP B 183 -1.60 -9.11 50.65
N GLY B 184 -2.92 -9.00 50.82
CA GLY B 184 -3.82 -9.99 50.23
C GLY B 184 -3.84 -9.95 48.72
N CYS B 185 -3.50 -8.81 48.12
CA CYS B 185 -3.55 -8.68 46.67
C CYS B 185 -2.38 -9.36 45.97
N TRP B 186 -1.26 -9.58 46.66
CA TRP B 186 -0.05 -9.83 45.90
C TRP B 186 0.33 -11.30 45.89
N PRO B 187 0.79 -11.80 44.74
CA PRO B 187 1.02 -13.24 44.58
C PRO B 187 2.26 -13.71 45.34
N GLY B 188 2.35 -15.03 45.49
CA GLY B 188 3.47 -15.66 46.14
C GLY B 188 4.29 -16.55 45.23
N HIS B 189 3.94 -16.57 43.93
CA HIS B 189 4.67 -17.35 42.95
C HIS B 189 4.66 -16.62 41.62
N SER B 190 5.76 -16.75 40.88
CA SER B 190 5.88 -16.18 39.55
C SER B 190 5.68 -17.26 38.50
N VAL B 191 5.13 -16.86 37.35
CA VAL B 191 4.87 -17.77 36.24
C VAL B 191 5.20 -17.06 34.93
N LEU B 192 5.36 -17.86 33.88
CA LEU B 192 5.49 -17.31 32.54
C LEU B 192 4.15 -16.69 32.13
N THR B 193 4.18 -15.41 31.79
CA THR B 193 2.97 -14.67 31.45
C THR B 193 3.03 -14.18 30.01
N HIS B 194 1.85 -14.04 29.41
CA HIS B 194 1.77 -13.52 28.05
C HIS B 194 2.11 -12.04 28.01
N GLY B 195 1.64 -11.27 28.98
CA GLY B 195 1.99 -9.88 29.14
C GLY B 195 0.97 -8.91 28.59
N GLU B 196 0.28 -9.26 27.51
CA GLU B 196 -0.73 -8.39 26.90
C GLU B 196 -1.91 -9.23 26.45
N LEU B 197 -2.41 -10.07 27.35
CA LEU B 197 -3.47 -11.03 27.01
C LEU B 197 -4.82 -10.35 27.03
N TYR B 198 -5.39 -10.13 25.85
CA TYR B 198 -6.73 -9.56 25.71
C TYR B 198 -7.26 -9.95 24.34
N PRO B 199 -8.59 -9.91 24.15
CA PRO B 199 -9.21 -10.63 23.01
C PRO B 199 -8.61 -10.36 21.64
N ALA B 200 -8.00 -9.20 21.40
CA ALA B 200 -7.41 -8.95 20.09
C ALA B 200 -6.29 -9.93 19.77
N HIS B 201 -5.69 -10.55 20.78
CA HIS B 201 -4.62 -11.51 20.59
C HIS B 201 -5.08 -12.95 20.77
N THR B 202 -6.34 -13.18 21.13
CA THR B 202 -6.87 -14.52 21.34
C THR B 202 -7.82 -14.85 20.20
N LEU B 203 -7.36 -15.71 19.29
CA LEU B 203 -8.17 -16.12 18.14
C LEU B 203 -9.22 -17.13 18.57
N VAL B 204 -10.44 -16.98 18.04
CA VAL B 204 -11.58 -17.78 18.47
C VAL B 204 -12.41 -18.24 17.28
N GLU B 205 -13.12 -19.33 17.49
CA GLU B 205 -14.24 -19.74 16.64
C GLU B 205 -15.23 -20.47 17.54
N ASP B 206 -16.51 -20.09 17.43
CA ASP B 206 -17.54 -20.51 18.38
C ASP B 206 -17.17 -20.08 19.81
N GLU B 207 -16.58 -18.89 19.92
CA GLU B 207 -16.12 -18.31 21.19
C GLU B 207 -15.11 -19.19 21.90
N ARG B 208 -14.49 -20.13 21.18
CA ARG B 208 -13.48 -21.03 21.74
C ARG B 208 -12.11 -20.58 21.25
N ILE B 209 -11.20 -20.32 22.19
CA ILE B 209 -9.86 -19.87 21.83
C ILE B 209 -9.12 -20.99 21.12
N THR B 210 -8.59 -20.68 19.93
CA THR B 210 -7.84 -21.63 19.13
C THR B 210 -6.37 -21.29 18.99
N ALA B 211 -6.03 -20.01 18.95
CA ALA B 211 -4.65 -19.58 18.86
C ALA B 211 -4.53 -18.23 19.55
N VAL B 212 -3.30 -17.88 19.94
CA VAL B 212 -3.01 -16.59 20.53
C VAL B 212 -1.79 -16.00 19.82
N LEU B 213 -1.81 -14.69 19.61
CA LEU B 213 -0.80 -13.98 18.85
C LEU B 213 0.04 -13.09 19.76
N ASP B 214 1.06 -12.47 19.17
CA ASP B 214 1.88 -11.44 19.79
C ASP B 214 2.43 -11.86 21.14
N TRP B 215 3.63 -12.44 21.15
CA TRP B 215 4.29 -12.88 22.37
C TRP B 215 5.49 -12.01 22.72
N THR B 216 5.46 -10.74 22.30
CA THR B 216 6.58 -9.84 22.57
C THR B 216 6.59 -9.35 24.02
N THR B 217 5.43 -9.33 24.68
CA THR B 217 5.34 -8.91 26.07
C THR B 217 5.55 -10.07 27.05
N ALA B 218 5.92 -11.25 26.54
CA ALA B 218 6.05 -12.42 27.39
C ALA B 218 7.15 -12.25 28.43
N ALA B 219 6.84 -12.62 29.67
CA ALA B 219 7.78 -12.47 30.77
C ALA B 219 7.33 -13.36 31.92
N VAL B 220 8.27 -13.64 32.83
CA VAL B 220 8.01 -14.42 34.03
C VAL B 220 7.71 -13.45 35.16
N GLY B 221 6.49 -13.54 35.72
CA GLY B 221 6.10 -12.61 36.75
C GLY B 221 4.69 -12.85 37.29
N ASP B 222 3.92 -11.79 37.51
CA ASP B 222 2.65 -11.87 38.21
C ASP B 222 1.62 -12.59 37.34
N PRO B 223 1.11 -13.74 37.81
CA PRO B 223 0.08 -14.46 37.03
C PRO B 223 -1.17 -13.66 36.75
N ALA B 224 -1.55 -12.73 37.63
CA ALA B 224 -2.79 -12.00 37.44
C ALA B 224 -2.78 -11.13 36.18
N LYS B 225 -1.60 -10.89 35.61
CA LYS B 225 -1.49 -10.06 34.42
C LYS B 225 -2.26 -10.65 33.24
N ASP B 226 -2.30 -11.98 33.13
CA ASP B 226 -3.01 -12.63 32.03
C ASP B 226 -4.52 -12.70 32.27
N LEU B 227 -4.98 -12.48 33.50
CA LEU B 227 -6.40 -12.56 33.83
C LEU B 227 -7.02 -11.20 34.10
N PHE B 229 -7.62 -8.23 32.26
CA PHE B 229 -8.62 -7.66 31.37
C PHE B 229 -9.96 -8.37 31.51
N HIS B 230 -9.92 -9.68 31.64
CA HIS B 230 -11.13 -10.46 31.80
C HIS B 230 -11.81 -10.16 33.14
N GLN B 231 -11.00 -9.84 34.16
CA GLN B 231 -11.54 -9.54 35.48
C GLN B 231 -12.30 -8.21 35.48
N VAL B 232 -11.80 -7.22 34.76
CA VAL B 232 -12.44 -5.90 34.75
C VAL B 232 -13.44 -5.72 33.63
N SER B 233 -13.51 -6.66 32.68
CA SER B 233 -14.45 -6.57 31.58
C SER B 233 -15.68 -7.46 31.75
N ALA B 234 -15.54 -8.58 32.43
CA ALA B 234 -16.61 -9.55 32.56
C ALA B 234 -17.35 -9.37 33.89
N PRO B 235 -18.58 -9.86 33.98
CA PRO B 235 -19.26 -9.91 35.27
C PRO B 235 -18.50 -10.82 36.24
N SER B 236 -18.74 -10.59 37.53
CA SER B 236 -17.98 -11.27 38.57
C SER B 236 -18.11 -12.79 38.45
N ALA B 237 -19.33 -13.29 38.28
CA ALA B 237 -19.54 -14.73 38.16
C ALA B 237 -18.87 -15.29 36.92
N ILE B 238 -18.79 -14.48 35.85
CA ILE B 238 -18.12 -14.95 34.63
C ILE B 238 -16.62 -15.08 34.87
N PHE B 239 -16.04 -14.20 35.69
CA PHE B 239 -14.62 -14.32 36.01
C PHE B 239 -14.36 -15.52 36.91
N GLU B 240 -15.34 -15.92 37.71
CA GLU B 240 -15.19 -17.11 38.53
C GLU B 240 -15.18 -18.36 37.66
N VAL B 241 -15.91 -18.35 36.54
CA VAL B 241 -15.85 -19.48 35.60
C VAL B 241 -14.45 -19.62 35.05
N ALA B 242 -13.84 -18.50 34.65
CA ALA B 242 -12.45 -18.53 34.21
C ALA B 242 -11.52 -18.98 35.33
N LEU B 243 -11.87 -18.69 36.58
CA LEU B 243 -11.00 -19.02 37.70
C LEU B 243 -11.04 -20.50 38.06
N GLN B 244 -12.23 -21.12 38.00
CA GLN B 244 -12.29 -22.56 38.27
C GLN B 244 -11.63 -23.33 37.13
N ALA B 245 -11.83 -22.90 35.89
CA ALA B 245 -11.09 -23.50 34.78
C ALA B 245 -9.60 -23.26 34.93
N TYR B 246 -9.22 -22.13 35.53
CA TYR B 246 -7.80 -21.87 35.81
C TYR B 246 -7.29 -22.83 36.88
N ALA B 247 -8.00 -22.94 38.00
CA ALA B 247 -7.57 -23.83 39.08
C ALA B 247 -7.67 -25.29 38.67
N GLU B 248 -8.63 -25.64 37.83
CA GLU B 248 -8.76 -27.03 37.39
C GLU B 248 -7.57 -27.45 36.54
N GLY B 249 -7.06 -26.55 35.70
CA GLY B 249 -5.94 -26.85 34.85
C GLY B 249 -4.59 -26.58 35.49
N GLY B 250 -4.54 -26.57 36.82
CA GLY B 250 -3.31 -26.41 37.55
C GLY B 250 -3.03 -25.02 38.08
N GLY B 251 -3.88 -24.04 37.76
CA GLY B 251 -3.68 -22.70 38.28
C GLY B 251 -3.93 -22.63 39.77
N ARG B 252 -3.29 -21.65 40.42
CA ARG B 252 -3.38 -21.48 41.86
C ARG B 252 -3.67 -20.02 42.18
N PRO B 253 -4.91 -19.57 41.96
CA PRO B 253 -5.24 -18.18 42.26
C PRO B 253 -5.41 -17.96 43.76
N TRP B 254 -5.13 -16.74 44.19
CA TRP B 254 -5.25 -16.34 45.59
C TRP B 254 -6.54 -15.55 45.80
N PRO B 255 -7.05 -15.50 47.02
CA PRO B 255 -8.39 -14.91 47.24
C PRO B 255 -8.50 -13.46 46.81
N GLY B 256 -7.44 -12.67 46.90
CA GLY B 256 -7.50 -11.28 46.53
C GLY B 256 -7.09 -11.01 45.09
N LEU B 257 -7.15 -12.05 44.25
CA LEU B 257 -6.75 -11.89 42.85
C LEU B 257 -7.69 -10.94 42.11
N ALA B 258 -9.00 -11.02 42.40
CA ALA B 258 -9.95 -10.16 41.72
C ALA B 258 -9.67 -8.69 42.01
N ARG B 259 -9.57 -8.32 43.29
CA ARG B 259 -9.21 -6.95 43.65
C ARG B 259 -7.87 -6.57 43.04
N HIS B 260 -6.91 -7.51 43.04
CA HIS B 260 -5.60 -7.24 42.47
C HIS B 260 -5.71 -6.82 41.00
N CYS B 261 -6.54 -7.52 40.24
CA CYS B 261 -6.72 -7.18 38.83
C CYS B 261 -7.34 -5.80 38.68
N THR B 262 -8.26 -5.43 39.58
CA THR B 262 -8.94 -4.14 39.45
C THR B 262 -8.03 -2.99 39.88
N GLU B 263 -7.27 -3.17 40.96
CA GLU B 263 -6.32 -2.12 41.36
C GLU B 263 -5.22 -1.95 40.32
N PHE B 265 -5.41 -2.52 37.17
CA PHE B 265 -6.00 -1.83 36.03
C PHE B 265 -6.14 -0.33 36.30
N SER B 266 -6.45 0.04 37.54
CA SER B 266 -6.51 1.46 37.90
C SER B 266 -5.14 2.13 37.88
N ALA B 267 -4.07 1.35 37.96
CA ALA B 267 -2.71 1.87 37.89
C ALA B 267 -2.22 2.02 36.45
N ALA B 268 -3.12 1.99 35.48
CA ALA B 268 -2.72 2.18 34.09
C ALA B 268 -1.98 3.49 33.84
N PRO B 269 -2.38 4.64 34.40
CA PRO B 269 -1.60 5.87 34.16
C PRO B 269 -0.14 5.76 34.56
N LEU B 270 0.22 4.87 35.47
CA LEU B 270 1.63 4.65 35.78
C LEU B 270 2.37 4.10 34.56
N GLY B 271 1.79 3.09 33.91
CA GLY B 271 2.39 2.56 32.69
C GLY B 271 2.45 3.58 31.58
N TYR B 272 1.48 4.51 31.53
CA TYR B 272 1.54 5.60 30.56
C TYR B 272 2.70 6.53 30.86
N GLY B 273 2.92 6.85 32.14
CA GLY B 273 4.02 7.72 32.49
C GLY B 273 5.38 7.11 32.16
N LEU B 274 5.54 5.81 32.39
CA LEU B 274 6.78 5.14 32.04
C LEU B 274 7.03 5.18 30.54
N TYR B 275 5.97 4.98 29.74
CA TYR B 275 6.11 4.99 28.30
C TYR B 275 6.48 6.37 27.78
N ALA B 276 5.85 7.41 28.31
CA ALA B 276 6.15 8.78 27.88
C ALA B 276 7.59 9.15 28.23
N LEU B 277 8.07 8.71 29.39
CA LEU B 277 9.46 8.96 29.77
C LEU B 277 10.43 8.23 28.85
N ALA B 278 10.03 7.05 28.36
CA ALA B 278 10.91 6.29 27.49
C ALA B 278 11.10 6.98 26.14
N THR B 279 10.02 7.49 25.56
CA THR B 279 10.08 8.14 24.26
C THR B 279 10.42 9.63 24.35
N GLY B 280 10.13 10.28 25.47
CA GLY B 280 10.41 11.69 25.63
C GLY B 280 9.55 12.62 24.81
N GLU B 281 8.58 12.09 24.06
CA GLU B 281 7.74 12.92 23.22
C GLU B 281 6.69 13.65 24.05
N ALA B 282 6.51 14.95 23.76
CA ALA B 282 5.61 15.78 24.54
C ALA B 282 4.15 15.38 24.37
N ALA B 283 3.79 14.74 23.26
CA ALA B 283 2.42 14.26 23.10
C ALA B 283 2.14 13.10 24.05
N HIS B 284 3.06 12.14 24.13
CA HIS B 284 2.91 11.05 25.10
C HIS B 284 2.99 11.58 26.53
N ARG B 285 3.80 12.61 26.76
CA ARG B 285 3.94 13.16 28.11
C ARG B 285 2.63 13.75 28.60
N GLU B 286 1.86 14.38 27.70
CA GLU B 286 0.62 15.03 28.11
C GLU B 286 -0.53 14.04 28.25
N ALA B 287 -0.63 13.06 27.33
CA ALA B 287 -1.63 12.02 27.46
C ALA B 287 -1.43 11.24 28.75
N ALA B 288 -0.19 11.14 29.23
CA ALA B 288 0.07 10.54 30.53
C ALA B 288 -0.19 11.52 31.67
N ALA B 289 0.03 12.82 31.44
CA ALA B 289 -0.21 13.80 32.49
C ALA B 289 -1.69 13.91 32.83
N ALA B 290 -2.55 13.92 31.80
CA ALA B 290 -3.99 14.02 32.05
C ALA B 290 -4.54 12.76 32.70
N ALA B 291 -3.91 11.61 32.47
CA ALA B 291 -4.35 10.38 33.13
C ALA B 291 -3.90 10.33 34.58
N LEU B 292 -2.73 10.88 34.89
CA LEU B 292 -2.21 10.88 36.26
C LEU B 292 -2.82 12.00 37.09
N ASN B 293 -3.23 13.09 36.44
CA ASN B 293 -3.77 14.26 37.13
C ASN B 293 -4.93 14.80 36.32
N PRO B 294 -6.09 14.13 36.36
CA PRO B 294 -7.20 14.55 35.52
C PRO B 294 -7.81 15.84 36.03
N PRO B 295 -8.44 16.62 35.16
CA PRO B 295 -9.07 17.88 35.60
C PRO B 295 -10.32 17.64 36.43
N GLU B 296 -10.86 18.74 36.95
CA GLU B 296 -12.09 18.68 37.73
C GLU B 296 -13.25 18.24 36.84
N GLU B 297 -14.23 17.58 37.47
CA GLU B 297 -15.41 17.12 36.76
C GLU B 297 -16.31 18.30 36.42
N ARG B 298 -16.36 18.66 35.14
CA ARG B 298 -17.19 19.77 34.70
C ARG B 298 -18.63 19.31 34.52
#